data_1AQY
#
_entry.id   1AQY
#
_cell.length_a   96.440
_cell.length_b   79.180
_cell.length_c   80.550
_cell.angle_alpha   90.00
_cell.angle_beta   90.00
_cell.angle_gamma   90.00
#
_symmetry.space_group_name_H-M   'P 21 21 2'
#
loop_
_entity.id
_entity.type
_entity.pdbx_description
1 polymer 'ESTROGEN SULFOTRANSFERASE'
2 non-polymer "ADENOSINE-3'-5'-DIPHOSPHATE"
3 water water
#
_entity_poly.entity_id   1
_entity_poly.type   'polypeptide(L)'
_entity_poly.pdbx_seq_one_letter_code
;GSMETSMPEYYEVFGEFRGVLMDKRFTKYWEDVEMFLARPDDLVIATYPKSGTTWISEVVYMIYKEGDVEKCKEDAIFNR
IPYLECRNEDLINGIKQLKEKESPRIVKTHLPPKLLPASFWEKNCKMIYLCRNAKDVAVSYYYFLLMITSYPNPKSFSEF
VEKFMQGQVPYGSWYDHVKAWWEKSKNSRVLFMFYEDMKEDIRREVVKLIEFLERKPSAELVDRIIQHTSFQEMKNNPST
NYTMMPEEMMNQKVSPFMRKGIIGDWKNHFPEALRERFDEHYKQQMKDCTVKFRMEL
;
_entity_poly.pdbx_strand_id   A,B
#
# COMPACT_ATOMS: atom_id res chain seq x y z
N GLU A 9 9.14 -14.14 -15.21
CA GLU A 9 9.99 -15.33 -14.88
C GLU A 9 10.58 -15.24 -13.48
N TYR A 10 10.86 -16.40 -12.89
CA TYR A 10 11.43 -16.52 -11.56
C TYR A 10 12.61 -15.58 -11.29
N TYR A 11 13.64 -15.65 -12.16
CA TYR A 11 14.83 -14.84 -11.97
C TYR A 11 14.74 -13.39 -12.45
N GLU A 12 13.55 -13.00 -12.89
CA GLU A 12 13.31 -11.60 -13.26
C GLU A 12 12.82 -10.97 -11.95
N VAL A 13 12.07 -11.75 -11.17
CA VAL A 13 11.54 -11.31 -9.87
C VAL A 13 12.58 -11.38 -8.74
N PHE A 14 13.37 -12.46 -8.71
CA PHE A 14 14.38 -12.67 -7.66
C PHE A 14 15.85 -12.60 -8.16
N GLY A 15 16.73 -12.04 -7.33
CA GLY A 15 18.14 -11.93 -7.68
C GLY A 15 19.09 -12.10 -6.51
N GLU A 16 20.24 -12.74 -6.77
CA GLU A 16 21.26 -13.00 -5.76
C GLU A 16 21.95 -11.71 -5.33
N PHE A 17 21.96 -11.47 -4.03
CA PHE A 17 22.58 -10.28 -3.45
C PHE A 17 23.55 -10.67 -2.34
N ARG A 18 24.84 -10.48 -2.58
CA ARG A 18 25.86 -10.83 -1.58
C ARG A 18 25.70 -12.29 -1.11
N GLY A 19 25.45 -13.17 -2.08
CA GLY A 19 25.29 -14.59 -1.80
C GLY A 19 23.94 -15.08 -1.29
N VAL A 20 22.93 -14.20 -1.27
CA VAL A 20 21.59 -14.56 -0.78
C VAL A 20 20.50 -14.18 -1.80
N LEU A 21 19.68 -15.14 -2.25
CA LEU A 21 18.60 -14.85 -3.21
C LEU A 21 17.56 -13.94 -2.56
N MET A 22 17.24 -12.81 -3.21
CA MET A 22 16.28 -11.82 -2.66
C MET A 22 15.30 -11.22 -3.68
N ASP A 23 14.17 -10.72 -3.18
CA ASP A 23 13.15 -10.04 -4.00
C ASP A 23 13.85 -8.73 -4.41
N LYS A 24 13.98 -8.48 -5.72
CA LYS A 24 14.67 -7.28 -6.19
C LYS A 24 14.09 -5.95 -5.67
N ARG A 25 12.81 -5.95 -5.30
CA ARG A 25 12.20 -4.73 -4.78
C ARG A 25 12.78 -4.34 -3.40
N PHE A 26 13.31 -5.33 -2.68
CA PHE A 26 13.90 -5.10 -1.35
C PHE A 26 15.40 -4.75 -1.40
N THR A 27 16.02 -4.84 -2.57
CA THR A 27 17.45 -4.52 -2.69
C THR A 27 17.76 -3.30 -3.58
N LYS A 28 16.77 -2.82 -4.33
CA LYS A 28 16.96 -1.66 -5.19
C LYS A 28 17.47 -0.44 -4.43
N TYR A 29 16.96 -0.26 -3.21
CA TYR A 29 17.37 0.86 -2.35
C TYR A 29 18.07 0.36 -1.07
N TRP A 30 18.97 -0.63 -1.23
CA TRP A 30 19.67 -1.23 -0.09
C TRP A 30 20.36 -0.27 0.87
N GLU A 31 20.83 0.87 0.35
CA GLU A 31 21.52 1.85 1.19
C GLU A 31 20.69 2.30 2.41
N ASP A 32 19.36 2.35 2.23
CA ASP A 32 18.45 2.77 3.31
C ASP A 32 18.46 1.77 4.47
N VAL A 33 18.68 0.50 4.16
CA VAL A 33 18.74 -0.54 5.17
C VAL A 33 20.14 -0.56 5.81
N GLU A 34 21.16 -0.55 4.98
CA GLU A 34 22.54 -0.58 5.45
C GLU A 34 22.90 0.53 6.44
N MET A 35 22.36 1.72 6.22
CA MET A 35 22.63 2.86 7.10
C MET A 35 21.57 3.16 8.17
N PHE A 36 20.68 2.20 8.44
CA PHE A 36 19.62 2.38 9.45
C PHE A 36 20.19 2.68 10.84
N LEU A 37 19.57 3.63 11.54
CA LEU A 37 20.01 4.00 12.89
C LEU A 37 19.15 3.36 13.99
N ALA A 38 19.76 2.51 14.80
CA ALA A 38 19.04 1.86 15.90
C ALA A 38 19.07 2.70 17.18
N ARG A 39 18.18 2.37 18.11
CA ARG A 39 18.10 3.03 19.41
C ARG A 39 18.41 1.94 20.45
N PRO A 40 18.99 2.30 21.59
CA PRO A 40 19.33 1.30 22.62
C PRO A 40 18.20 0.38 23.08
N ASP A 41 16.98 0.90 23.16
CA ASP A 41 15.85 0.10 23.62
C ASP A 41 14.99 -0.61 22.55
N ASP A 42 15.49 -0.68 21.32
CA ASP A 42 14.79 -1.36 20.22
C ASP A 42 14.83 -2.88 20.50
N LEU A 43 13.80 -3.62 20.09
CA LEU A 43 13.78 -5.08 20.25
C LEU A 43 13.59 -5.72 18.86
N VAL A 44 14.50 -6.61 18.47
CA VAL A 44 14.44 -7.26 17.17
C VAL A 44 13.87 -8.69 17.24
N ILE A 45 12.85 -8.96 16.42
CA ILE A 45 12.23 -10.29 16.32
C ILE A 45 12.63 -10.82 14.93
N ALA A 46 13.50 -11.83 14.91
CA ALA A 46 14.02 -12.42 13.66
C ALA A 46 13.62 -13.89 13.42
N THR A 47 13.30 -14.22 12.16
CA THR A 47 12.89 -15.58 11.78
C THR A 47 13.15 -15.90 10.31
N TYR A 48 13.18 -17.20 9.95
CA TYR A 48 13.27 -17.58 8.55
C TYR A 48 11.78 -17.60 8.20
N PRO A 49 11.40 -17.19 6.97
CA PRO A 49 9.96 -17.19 6.61
C PRO A 49 9.13 -18.44 6.98
N LYS A 50 7.89 -18.19 7.44
CA LYS A 50 6.91 -19.22 7.78
C LYS A 50 7.21 -20.12 8.98
N SER A 51 7.92 -19.57 9.96
CA SER A 51 8.28 -20.31 11.19
C SER A 51 7.45 -19.93 12.42
N GLY A 52 6.45 -19.06 12.25
CA GLY A 52 5.62 -18.63 13.37
C GLY A 52 5.80 -17.18 13.79
N THR A 53 6.31 -16.35 12.88
CA THR A 53 6.56 -14.93 13.15
C THR A 53 5.36 -14.16 13.72
N THR A 54 4.20 -14.34 13.11
CA THR A 54 2.98 -13.64 13.53
C THR A 54 2.55 -14.05 14.96
N TRP A 55 2.67 -15.34 15.27
CA TRP A 55 2.31 -15.87 16.59
C TRP A 55 3.14 -15.25 17.74
N ILE A 56 4.47 -15.31 17.64
CA ILE A 56 5.31 -14.76 18.71
C ILE A 56 5.29 -13.22 18.75
N SER A 57 4.96 -12.59 17.63
CA SER A 57 4.88 -11.13 17.57
C SER A 57 3.69 -10.65 18.44
N GLU A 58 2.55 -11.34 18.33
CA GLU A 58 1.37 -10.97 19.11
C GLU A 58 1.59 -11.23 20.61
N VAL A 59 2.32 -12.29 20.94
CA VAL A 59 2.62 -12.62 22.34
C VAL A 59 3.46 -11.50 22.98
N VAL A 60 4.51 -11.06 22.28
CA VAL A 60 5.38 -9.99 22.78
C VAL A 60 4.63 -8.64 22.91
N TYR A 61 3.77 -8.35 21.95
CA TYR A 61 3.03 -7.11 21.98
C TYR A 61 2.13 -7.06 23.22
N MET A 62 1.44 -8.16 23.51
CA MET A 62 0.58 -8.24 24.69
C MET A 62 1.36 -8.01 25.98
N ILE A 63 2.61 -8.50 26.01
CA ILE A 63 3.46 -8.34 27.19
C ILE A 63 3.76 -6.85 27.39
N TYR A 64 4.14 -6.18 26.31
CA TYR A 64 4.43 -4.75 26.36
C TYR A 64 3.24 -3.96 26.90
N LYS A 65 2.03 -4.43 26.57
CA LYS A 65 0.80 -3.77 27.00
C LYS A 65 0.14 -4.36 28.27
N GLU A 66 0.92 -5.12 29.03
CA GLU A 66 0.43 -5.73 30.26
C GLU A 66 -0.89 -6.49 30.13
N GLY A 67 -1.01 -7.31 29.08
CA GLY A 67 -2.21 -8.09 28.87
C GLY A 67 -3.52 -7.37 28.57
N ASP A 68 -3.44 -6.21 27.91
CA ASP A 68 -4.65 -5.45 27.58
C ASP A 68 -5.09 -5.73 26.14
N VAL A 69 -6.07 -6.61 25.97
CA VAL A 69 -6.57 -6.96 24.63
C VAL A 69 -7.19 -5.75 23.94
N ASP A 75 -5.10 -1.46 15.45
CA ASP A 75 -4.38 -1.36 14.14
C ASP A 75 -3.84 -2.74 13.71
N ALA A 76 -3.67 -2.94 12.41
CA ALA A 76 -3.14 -4.20 11.87
C ALA A 76 -1.76 -4.47 12.48
N ILE A 77 -1.40 -5.73 12.63
CA ILE A 77 -0.08 -6.07 13.21
C ILE A 77 1.11 -5.52 12.39
N PHE A 78 0.95 -5.44 11.07
CA PHE A 78 2.04 -4.93 10.23
C PHE A 78 2.26 -3.41 10.38
N ASN A 79 1.40 -2.76 11.15
CA ASN A 79 1.51 -1.33 11.42
C ASN A 79 2.05 -1.15 12.84
N ARG A 80 1.62 -2.01 13.76
CA ARG A 80 2.06 -1.98 15.16
C ARG A 80 3.52 -2.42 15.28
N ILE A 81 3.94 -3.36 14.42
CA ILE A 81 5.30 -3.92 14.41
C ILE A 81 5.81 -3.94 12.96
N PRO A 82 6.43 -2.84 12.50
CA PRO A 82 6.95 -2.73 11.12
C PRO A 82 7.96 -3.79 10.64
N TYR A 83 7.79 -4.21 9.39
CA TYR A 83 8.65 -5.19 8.69
C TYR A 83 9.81 -4.39 8.07
N LEU A 84 10.94 -4.38 8.77
CA LEU A 84 12.15 -3.63 8.40
C LEU A 84 12.53 -3.41 6.94
N GLU A 85 12.85 -4.49 6.24
CA GLU A 85 13.30 -4.40 4.86
C GLU A 85 12.20 -4.42 3.78
N CYS A 86 10.93 -4.53 4.18
CA CYS A 86 9.83 -4.54 3.20
C CYS A 86 9.75 -3.18 2.49
N ARG A 87 9.68 -3.22 1.17
CA ARG A 87 9.62 -2.00 0.36
C ARG A 87 9.03 -2.26 -1.02
N ASN A 88 8.12 -1.38 -1.45
CA ASN A 88 7.51 -1.46 -2.77
C ASN A 88 7.36 -0.01 -3.25
N GLU A 89 8.45 0.53 -3.77
CA GLU A 89 8.54 1.92 -4.24
C GLU A 89 8.00 2.88 -3.17
N ASP A 90 7.05 3.75 -3.52
CA ASP A 90 6.52 4.72 -2.55
C ASP A 90 5.20 4.35 -1.87
N LEU A 91 4.66 3.17 -2.17
CA LEU A 91 3.42 2.70 -1.55
C LEU A 91 3.66 2.00 -0.20
N ILE A 92 4.74 1.23 -0.10
CA ILE A 92 5.09 0.52 1.14
C ILE A 92 6.56 0.78 1.49
N ASN A 93 6.81 1.13 2.75
CA ASN A 93 8.18 1.43 3.20
C ASN A 93 8.33 1.23 4.72
N GLY A 94 8.89 0.09 5.11
CA GLY A 94 9.08 -0.19 6.54
C GLY A 94 10.05 0.70 7.30
N ILE A 95 11.12 1.15 6.64
CA ILE A 95 12.12 2.03 7.25
C ILE A 95 11.48 3.37 7.62
N LYS A 96 10.64 3.89 6.72
CA LYS A 96 9.96 5.16 6.93
C LYS A 96 9.02 5.04 8.13
N GLN A 97 8.31 3.91 8.22
CA GLN A 97 7.40 3.65 9.33
C GLN A 97 8.15 3.66 10.66
N LEU A 98 9.35 3.08 10.67
CA LEU A 98 10.16 2.99 11.88
C LEU A 98 10.73 4.34 12.31
N LYS A 99 11.09 5.19 11.34
CA LYS A 99 11.63 6.51 11.65
C LYS A 99 10.56 7.37 12.34
N GLU A 100 9.29 7.08 12.05
CA GLU A 100 8.19 7.82 12.64
C GLU A 100 7.53 7.14 13.84
N LYS A 101 8.09 6.02 14.29
CA LYS A 101 7.53 5.28 15.42
C LYS A 101 8.14 5.70 16.76
N GLU A 102 7.30 5.86 17.79
CA GLU A 102 7.76 6.25 19.12
C GLU A 102 8.40 5.08 19.84
N SER A 103 9.38 5.38 20.69
CA SER A 103 10.07 4.34 21.45
C SER A 103 9.22 3.90 22.64
N PRO A 104 9.36 2.63 23.09
CA PRO A 104 10.27 1.61 22.54
C PRO A 104 9.68 0.86 21.33
N ARG A 105 10.49 0.76 20.27
CA ARG A 105 10.07 0.10 19.02
C ARG A 105 10.32 -1.43 18.96
N ILE A 106 9.41 -2.15 18.30
CA ILE A 106 9.55 -3.59 18.08
C ILE A 106 9.73 -3.72 16.55
N VAL A 107 10.81 -4.38 16.15
CA VAL A 107 11.21 -4.54 14.74
C VAL A 107 11.18 -5.98 14.20
N LYS A 108 10.45 -6.20 13.10
CA LYS A 108 10.39 -7.54 12.48
C LYS A 108 11.32 -7.67 11.25
N THR A 109 12.02 -8.80 11.14
CA THR A 109 12.94 -9.04 10.01
C THR A 109 13.11 -10.54 9.67
N HIS A 110 13.53 -10.85 8.43
CA HIS A 110 13.80 -12.23 8.00
C HIS A 110 15.28 -12.35 7.53
N LEU A 111 16.08 -11.31 7.78
CA LEU A 111 17.49 -11.29 7.35
C LEU A 111 18.48 -12.17 8.16
N PRO A 112 19.49 -12.77 7.47
CA PRO A 112 20.51 -13.59 8.14
C PRO A 112 21.43 -12.57 8.85
N PRO A 113 22.21 -13.00 9.85
CA PRO A 113 23.09 -12.04 10.56
C PRO A 113 24.00 -11.12 9.76
N LYS A 114 24.58 -11.61 8.67
CA LYS A 114 25.49 -10.78 7.88
C LYS A 114 24.85 -9.64 7.08
N LEU A 115 23.52 -9.66 6.93
CA LEU A 115 22.80 -8.62 6.19
C LEU A 115 22.04 -7.64 7.11
N LEU A 116 21.95 -7.95 8.40
CA LEU A 116 21.25 -7.07 9.34
C LEU A 116 22.01 -5.75 9.55
N PRO A 117 21.29 -4.62 9.67
CA PRO A 117 21.98 -3.34 9.88
C PRO A 117 22.97 -3.41 11.05
N ALA A 118 24.22 -3.04 10.81
CA ALA A 118 25.26 -3.11 11.85
C ALA A 118 24.99 -2.29 13.12
N SER A 119 24.18 -1.24 13.01
CA SER A 119 23.86 -0.39 14.15
C SER A 119 23.22 -1.17 15.30
N PHE A 120 22.47 -2.22 14.97
CA PHE A 120 21.80 -3.06 15.98
C PHE A 120 22.85 -3.79 16.85
N TRP A 121 23.92 -4.27 16.23
CA TRP A 121 24.98 -4.97 16.96
C TRP A 121 25.76 -3.95 17.77
N GLU A 122 26.09 -2.81 17.16
CA GLU A 122 26.85 -1.77 17.88
C GLU A 122 26.18 -1.30 19.17
N LYS A 123 24.85 -1.19 19.15
CA LYS A 123 24.12 -0.74 20.34
C LYS A 123 23.71 -1.88 21.28
N ASN A 124 24.12 -3.11 20.96
CA ASN A 124 23.82 -4.30 21.78
C ASN A 124 22.35 -4.48 22.14
N CYS A 125 21.46 -4.28 21.17
CA CYS A 125 20.02 -4.42 21.38
C CYS A 125 19.61 -5.88 21.67
N LYS A 126 18.55 -6.05 22.46
CA LYS A 126 18.03 -7.39 22.76
C LYS A 126 17.34 -7.91 21.50
N MET A 127 17.40 -9.22 21.27
CA MET A 127 16.77 -9.84 20.10
C MET A 127 16.19 -11.21 20.42
N ILE A 128 15.19 -11.62 19.64
CA ILE A 128 14.54 -12.93 19.81
C ILE A 128 14.52 -13.67 18.45
N TYR A 129 15.09 -14.87 18.40
CA TYR A 129 15.10 -15.68 17.17
C TYR A 129 14.22 -16.93 17.33
N LEU A 130 13.35 -17.18 16.34
CA LEU A 130 12.46 -18.34 16.37
C LEU A 130 12.63 -19.24 15.13
N CYS A 131 12.70 -20.56 15.35
CA CYS A 131 12.81 -21.52 14.24
C CYS A 131 11.76 -22.64 14.31
N ARG A 132 11.67 -23.43 13.24
CA ARG A 132 10.69 -24.53 13.09
C ARG A 132 11.36 -25.66 12.29
N ASN A 133 10.93 -26.91 12.46
CA ASN A 133 11.60 -27.99 11.72
C ASN A 133 11.50 -27.81 10.20
N ALA A 134 12.62 -28.02 9.53
CA ALA A 134 12.75 -27.81 8.08
C ALA A 134 11.69 -28.35 7.14
N LYS A 135 11.24 -29.60 7.34
CA LYS A 135 10.23 -30.18 6.44
C LYS A 135 8.88 -29.46 6.52
N ASP A 136 8.50 -29.04 7.73
CA ASP A 136 7.23 -28.35 7.91
C ASP A 136 7.32 -26.91 7.39
N VAL A 137 8.52 -26.33 7.40
CA VAL A 137 8.73 -24.97 6.89
C VAL A 137 8.56 -24.99 5.37
N ALA A 138 9.10 -26.03 4.71
CA ALA A 138 9.01 -26.19 3.27
C ALA A 138 7.55 -26.25 2.77
N VAL A 139 6.69 -26.97 3.49
CA VAL A 139 5.27 -27.09 3.13
C VAL A 139 4.57 -25.72 3.22
N SER A 140 4.78 -25.02 4.34
CA SER A 140 4.18 -23.70 4.56
C SER A 140 4.67 -22.63 3.56
N TYR A 141 5.95 -22.66 3.20
CA TYR A 141 6.53 -21.71 2.25
C TYR A 141 5.99 -21.97 0.83
N TYR A 142 5.72 -23.24 0.50
CA TYR A 142 5.18 -23.61 -0.81
C TYR A 142 3.82 -22.93 -1.05
N TYR A 143 2.95 -22.98 -0.04
CA TYR A 143 1.63 -22.36 -0.15
C TYR A 143 1.71 -20.82 -0.16
N PHE A 144 2.72 -20.28 0.48
CA PHE A 144 2.92 -18.83 0.53
C PHE A 144 3.22 -18.28 -0.87
N LEU A 145 4.04 -18.99 -1.63
CA LEU A 145 4.36 -18.55 -3.00
C LEU A 145 3.11 -18.57 -3.88
N LEU A 146 2.20 -19.50 -3.63
CA LEU A 146 0.95 -19.58 -4.38
C LEU A 146 0.04 -18.40 -4.02
N MET A 147 0.05 -18.02 -2.75
CA MET A 147 -0.74 -16.90 -2.22
C MET A 147 -0.31 -15.51 -2.71
N ILE A 148 0.99 -15.27 -2.82
CA ILE A 148 1.49 -13.98 -3.28
C ILE A 148 1.34 -13.87 -4.82
N THR A 149 0.48 -12.94 -5.26
CA THR A 149 0.20 -12.77 -6.67
C THR A 149 1.39 -12.46 -7.58
N SER A 150 2.36 -11.68 -7.11
CA SER A 150 3.52 -11.35 -7.93
C SER A 150 4.65 -12.39 -7.92
N TYR A 151 4.47 -13.51 -7.21
CA TYR A 151 5.49 -14.55 -7.14
C TYR A 151 5.05 -15.73 -8.02
N PRO A 152 5.91 -16.17 -8.97
CA PRO A 152 5.60 -17.29 -9.87
C PRO A 152 5.30 -18.61 -9.15
N ASN A 153 4.14 -19.20 -9.43
CA ASN A 153 3.74 -20.46 -8.80
C ASN A 153 4.61 -21.66 -9.18
N PRO A 154 5.11 -22.42 -8.17
CA PRO A 154 5.94 -23.60 -8.47
C PRO A 154 5.18 -24.62 -9.32
N LYS A 155 5.90 -25.31 -10.20
CA LYS A 155 5.32 -26.32 -11.09
C LYS A 155 4.74 -27.49 -10.29
N SER A 156 5.37 -27.80 -9.16
CA SER A 156 4.94 -28.88 -8.28
C SER A 156 5.67 -28.74 -6.95
N PHE A 157 5.18 -29.44 -5.93
CA PHE A 157 5.80 -29.40 -4.62
C PHE A 157 7.25 -29.91 -4.68
N SER A 158 7.48 -31.01 -5.39
CA SER A 158 8.81 -31.58 -5.52
C SER A 158 9.79 -30.58 -6.14
N GLU A 159 9.32 -29.86 -7.15
CA GLU A 159 10.13 -28.85 -7.84
C GLU A 159 10.58 -27.78 -6.84
N PHE A 160 9.66 -27.36 -5.99
CA PHE A 160 9.95 -26.36 -4.97
C PHE A 160 10.99 -26.89 -3.96
N VAL A 161 10.85 -28.15 -3.54
CA VAL A 161 11.78 -28.74 -2.58
C VAL A 161 13.22 -28.84 -3.13
N GLU A 162 13.34 -29.10 -4.42
CA GLU A 162 14.67 -29.18 -5.02
C GLU A 162 15.36 -27.81 -4.86
N LYS A 163 14.59 -26.74 -5.04
CA LYS A 163 15.13 -25.38 -4.89
C LYS A 163 15.45 -25.07 -3.43
N PHE A 164 14.59 -25.51 -2.51
CA PHE A 164 14.77 -25.27 -1.09
C PHE A 164 16.12 -25.87 -0.60
N MET A 165 16.42 -27.10 -1.04
CA MET A 165 17.67 -27.77 -0.63
C MET A 165 18.89 -27.02 -1.17
N GLN A 166 18.73 -26.34 -2.30
CA GLN A 166 19.81 -25.58 -2.93
C GLN A 166 19.93 -24.15 -2.40
N GLY A 167 18.97 -23.71 -1.59
CA GLY A 167 18.99 -22.35 -1.08
C GLY A 167 18.56 -21.34 -2.14
N GLN A 168 17.87 -21.82 -3.17
CA GLN A 168 17.42 -20.96 -4.26
C GLN A 168 15.96 -20.48 -4.11
N VAL A 169 15.63 -19.98 -2.92
CA VAL A 169 14.31 -19.45 -2.62
C VAL A 169 14.58 -18.11 -1.91
N PRO A 170 13.58 -17.20 -1.84
CA PRO A 170 13.81 -15.91 -1.16
C PRO A 170 14.36 -16.04 0.27
N TYR A 171 15.40 -15.25 0.53
CA TYR A 171 16.13 -15.20 1.81
C TYR A 171 17.20 -16.31 1.95
N GLY A 172 17.40 -17.06 0.85
CA GLY A 172 18.44 -18.09 0.81
C GLY A 172 18.33 -19.39 1.59
N SER A 173 19.50 -19.96 1.90
CA SER A 173 19.62 -21.24 2.60
C SER A 173 19.10 -21.27 4.06
N TRP A 174 18.10 -22.13 4.33
CA TRP A 174 17.53 -22.29 5.68
C TRP A 174 18.64 -22.80 6.63
N TYR A 175 19.49 -23.69 6.10
CA TYR A 175 20.59 -24.28 6.87
C TYR A 175 21.59 -23.24 7.35
N ASP A 176 22.03 -22.36 6.43
CA ASP A 176 22.97 -21.28 6.76
C ASP A 176 22.35 -20.27 7.73
N HIS A 177 21.06 -19.98 7.56
CA HIS A 177 20.30 -19.03 8.39
C HIS A 177 20.27 -19.49 9.87
N VAL A 178 19.84 -20.74 10.10
CA VAL A 178 19.74 -21.28 11.45
C VAL A 178 21.11 -21.42 12.12
N LYS A 179 22.11 -21.93 11.40
CA LYS A 179 23.44 -22.09 11.99
C LYS A 179 24.09 -20.76 12.41
N ALA A 180 23.94 -19.72 11.59
CA ALA A 180 24.52 -18.40 11.91
C ALA A 180 23.84 -17.73 13.12
N TRP A 181 22.50 -17.79 13.19
CA TRP A 181 21.77 -17.19 14.31
C TRP A 181 21.99 -17.99 15.62
N TRP A 182 22.22 -19.31 15.50
CA TRP A 182 22.48 -20.14 16.69
C TRP A 182 23.80 -19.67 17.31
N GLU A 183 24.78 -19.36 16.47
CA GLU A 183 26.09 -18.90 16.94
C GLU A 183 25.92 -17.58 17.70
N LYS A 184 25.09 -16.70 17.16
CA LYS A 184 24.84 -15.40 17.78
C LYS A 184 24.15 -15.49 19.14
N SER A 185 23.36 -16.55 19.35
CA SER A 185 22.64 -16.73 20.62
C SER A 185 23.52 -17.06 21.82
N LYS A 186 24.83 -17.08 21.63
CA LYS A 186 25.76 -17.32 22.73
C LYS A 186 25.62 -16.11 23.66
N ASN A 187 25.26 -14.97 23.08
CA ASN A 187 25.06 -13.71 23.82
C ASN A 187 23.80 -13.83 24.69
N SER A 188 23.88 -13.40 25.95
CA SER A 188 22.72 -13.48 26.85
C SER A 188 21.56 -12.57 26.42
N ARG A 189 21.84 -11.62 25.54
CA ARG A 189 20.80 -10.70 25.07
C ARG A 189 20.10 -11.13 23.77
N VAL A 190 20.42 -12.34 23.31
CA VAL A 190 19.81 -12.92 22.11
C VAL A 190 19.17 -14.27 22.49
N LEU A 191 17.85 -14.31 22.61
CA LEU A 191 17.09 -15.52 22.99
C LEU A 191 16.72 -16.42 21.80
N PHE A 192 16.98 -17.74 21.92
CA PHE A 192 16.70 -18.72 20.85
C PHE A 192 15.50 -19.61 21.25
N MET A 193 14.47 -19.71 20.40
CA MET A 193 13.27 -20.51 20.69
C MET A 193 12.76 -21.36 19.53
N PHE A 194 11.86 -22.31 19.85
CA PHE A 194 11.29 -23.25 18.86
C PHE A 194 9.75 -23.26 18.77
N TYR A 195 9.23 -23.34 17.54
CA TYR A 195 7.78 -23.37 17.29
C TYR A 195 7.11 -24.57 18.00
N GLU A 196 7.76 -25.72 17.90
CA GLU A 196 7.25 -26.96 18.50
C GLU A 196 7.19 -26.89 20.04
N ASP A 197 8.03 -26.07 20.66
CA ASP A 197 7.99 -25.93 22.13
C ASP A 197 6.77 -25.07 22.51
N MET A 198 6.43 -24.08 21.69
CA MET A 198 5.26 -23.22 21.96
C MET A 198 3.99 -24.07 21.77
N LYS A 199 4.04 -25.04 20.85
CA LYS A 199 2.91 -25.92 20.60
C LYS A 199 2.69 -26.91 21.74
N GLU A 200 3.76 -27.55 22.22
CA GLU A 200 3.65 -28.56 23.29
C GLU A 200 3.72 -28.07 24.73
N ASP A 201 4.19 -26.85 24.96
CA ASP A 201 4.28 -26.32 26.32
C ASP A 201 4.21 -24.80 26.36
N ILE A 202 3.07 -24.27 25.93
CA ILE A 202 2.88 -22.82 25.87
C ILE A 202 3.10 -22.02 27.17
N ARG A 203 2.60 -22.54 28.29
CA ARG A 203 2.74 -21.83 29.58
C ARG A 203 4.20 -21.60 29.96
N ARG A 204 5.04 -22.61 29.78
CA ARG A 204 6.47 -22.46 30.11
C ARG A 204 7.14 -21.42 29.20
N GLU A 205 6.85 -21.49 27.91
CA GLU A 205 7.43 -20.54 26.93
C GLU A 205 6.98 -19.09 27.17
N VAL A 206 5.74 -18.89 27.61
CA VAL A 206 5.24 -17.54 27.88
C VAL A 206 5.91 -16.95 29.12
N VAL A 207 6.08 -17.76 30.17
CA VAL A 207 6.73 -17.30 31.39
C VAL A 207 8.18 -16.90 31.09
N LYS A 208 8.84 -17.68 30.24
CA LYS A 208 10.23 -17.43 29.86
C LYS A 208 10.36 -16.07 29.13
N LEU A 209 9.40 -15.78 28.24
CA LEU A 209 9.41 -14.53 27.50
C LEU A 209 9.14 -13.32 28.41
N ILE A 210 8.22 -13.47 29.35
CA ILE A 210 7.90 -12.38 30.28
C ILE A 210 9.14 -12.01 31.10
N GLU A 211 9.89 -13.01 31.54
CA GLU A 211 11.10 -12.78 32.33
C GLU A 211 12.26 -12.18 31.50
N PHE A 212 12.39 -12.62 30.25
CA PHE A 212 13.45 -12.10 29.38
C PHE A 212 13.21 -10.61 29.12
N LEU A 213 11.93 -10.21 29.06
CA LEU A 213 11.58 -8.82 28.80
C LEU A 213 11.47 -8.03 30.12
N GLU A 214 12.02 -8.62 31.18
CA GLU A 214 12.04 -8.02 32.50
C GLU A 214 10.71 -7.54 33.09
N ARG A 215 9.71 -8.43 33.11
CA ARG A 215 8.41 -8.11 33.66
C ARG A 215 7.99 -9.22 34.61
N LYS A 216 6.86 -9.05 35.30
CA LYS A 216 6.41 -10.06 36.27
C LYS A 216 5.32 -11.02 35.76
N PRO A 217 5.60 -12.34 35.83
CA PRO A 217 4.69 -13.41 35.37
C PRO A 217 3.50 -13.78 36.27
N SER A 218 2.67 -12.80 36.63
CA SER A 218 1.51 -13.08 37.45
C SER A 218 0.65 -14.15 36.77
N ALA A 219 -0.13 -14.89 37.54
CA ALA A 219 -0.99 -15.92 36.96
C ALA A 219 -2.11 -15.35 36.09
N GLU A 220 -2.58 -14.14 36.41
CA GLU A 220 -3.64 -13.50 35.64
C GLU A 220 -3.15 -13.11 34.26
N LEU A 221 -1.93 -12.57 34.21
CA LEU A 221 -1.32 -12.15 32.96
C LEU A 221 -1.06 -13.32 32.02
N VAL A 222 -0.38 -14.34 32.52
CA VAL A 222 -0.07 -15.52 31.72
C VAL A 222 -1.33 -16.16 31.13
N ASP A 223 -2.43 -16.05 31.85
CA ASP A 223 -3.71 -16.63 31.41
C ASP A 223 -4.40 -15.86 30.29
N ARG A 224 -4.31 -14.54 30.35
CA ARG A 224 -4.92 -13.69 29.34
C ARG A 224 -4.20 -13.93 28.00
N ILE A 225 -2.87 -14.04 28.08
CA ILE A 225 -2.04 -14.25 26.89
C ILE A 225 -2.34 -15.59 26.21
N ILE A 226 -2.39 -16.66 27.00
CA ILE A 226 -2.68 -18.00 26.45
C ILE A 226 -4.02 -18.03 25.70
N GLN A 227 -5.05 -17.42 26.28
CA GLN A 227 -6.37 -17.42 25.63
C GLN A 227 -6.43 -16.57 24.38
N HIS A 228 -5.73 -15.45 24.38
CA HIS A 228 -5.75 -14.54 23.24
C HIS A 228 -4.91 -14.97 22.02
N THR A 229 -3.86 -15.75 22.24
CA THR A 229 -3.00 -16.15 21.13
C THR A 229 -3.14 -17.57 20.59
N SER A 230 -4.25 -18.24 20.89
CA SER A 230 -4.45 -19.58 20.36
C SER A 230 -4.73 -19.49 18.85
N PHE A 231 -4.55 -20.60 18.12
CA PHE A 231 -4.78 -20.61 16.69
C PHE A 231 -6.23 -20.28 16.32
N GLN A 232 -7.19 -20.76 17.11
CA GLN A 232 -8.60 -20.48 16.82
C GLN A 232 -8.92 -18.99 16.97
N GLU A 233 -8.34 -18.35 17.98
CA GLU A 233 -8.55 -16.93 18.21
C GLU A 233 -7.95 -16.08 17.08
N MET A 234 -6.64 -16.20 16.88
CA MET A 234 -5.92 -15.45 15.85
C MET A 234 -6.45 -15.64 14.43
N LYS A 235 -7.06 -16.79 14.14
CA LYS A 235 -7.61 -17.03 12.82
C LYS A 235 -8.84 -16.14 12.60
N ASN A 236 -9.52 -15.77 13.69
CA ASN A 236 -10.71 -14.93 13.60
C ASN A 236 -10.44 -13.47 13.91
N ASN A 237 -9.20 -13.14 14.23
CA ASN A 237 -8.83 -11.76 14.55
C ASN A 237 -8.37 -11.06 13.26
N PRO A 238 -9.17 -10.10 12.77
CA PRO A 238 -8.83 -9.36 11.53
C PRO A 238 -7.51 -8.60 11.60
N SER A 239 -7.04 -8.32 12.81
CA SER A 239 -5.78 -7.60 13.03
C SER A 239 -4.56 -8.50 12.77
N THR A 240 -4.73 -9.80 13.00
CA THR A 240 -3.63 -10.76 12.83
C THR A 240 -3.75 -11.78 11.68
N ASN A 241 -4.93 -11.93 11.07
CA ASN A 241 -5.11 -12.89 9.98
C ASN A 241 -4.83 -12.38 8.56
N TYR A 242 -4.30 -11.15 8.48
CA TYR A 242 -3.94 -10.51 7.21
C TYR A 242 -5.06 -10.20 6.19
N THR A 243 -6.29 -10.04 6.66
CA THR A 243 -7.40 -9.69 5.77
C THR A 243 -7.44 -8.15 5.59
N MET A 244 -6.57 -7.45 6.34
CA MET A 244 -6.47 -5.98 6.26
C MET A 244 -5.46 -5.62 5.17
N MET A 245 -5.02 -6.63 4.42
CA MET A 245 -4.07 -6.48 3.32
C MET A 245 -4.77 -6.87 2.02
N PRO A 246 -4.81 -5.96 1.02
CA PRO A 246 -5.43 -6.14 -0.30
C PRO A 246 -5.26 -7.50 -0.98
N GLU A 247 -6.36 -7.99 -1.55
CA GLU A 247 -6.37 -9.27 -2.25
C GLU A 247 -5.59 -9.18 -3.56
N GLU A 248 -5.34 -7.96 -4.03
CA GLU A 248 -4.59 -7.75 -5.26
C GLU A 248 -3.14 -8.17 -5.04
N MET A 249 -2.71 -8.14 -3.78
CA MET A 249 -1.35 -8.51 -3.41
C MET A 249 -1.27 -9.90 -2.79
N MET A 250 -2.18 -10.16 -1.85
CA MET A 250 -2.24 -11.42 -1.11
C MET A 250 -3.63 -12.04 -1.29
N ASN A 251 -3.75 -13.04 -2.15
CA ASN A 251 -5.03 -13.70 -2.42
C ASN A 251 -5.32 -14.93 -1.54
N GLN A 252 -6.05 -14.73 -0.44
CA GLN A 252 -6.36 -15.81 0.47
C GLN A 252 -7.43 -16.79 -0.02
N LYS A 253 -7.95 -16.54 -1.21
CA LYS A 253 -8.95 -17.44 -1.79
C LYS A 253 -8.15 -18.62 -2.33
N VAL A 254 -6.90 -18.37 -2.70
CA VAL A 254 -6.00 -19.42 -3.20
C VAL A 254 -5.52 -20.28 -2.02
N SER A 255 -5.16 -19.62 -0.92
CA SER A 255 -4.70 -20.28 0.31
C SER A 255 -4.75 -19.28 1.47
N PRO A 256 -5.39 -19.63 2.59
CA PRO A 256 -5.49 -18.73 3.75
C PRO A 256 -4.17 -18.58 4.52
N PHE A 257 -3.96 -17.41 5.14
CA PHE A 257 -2.72 -17.19 5.90
C PHE A 257 -2.64 -18.11 7.13
N MET A 258 -3.73 -18.17 7.90
CA MET A 258 -3.81 -19.05 9.06
C MET A 258 -4.36 -20.34 8.46
N ARG A 259 -3.44 -21.17 7.95
CA ARG A 259 -3.75 -22.43 7.26
C ARG A 259 -4.13 -23.63 8.12
N LYS A 260 -3.16 -24.26 8.77
CA LYS A 260 -3.43 -25.43 9.62
C LYS A 260 -2.94 -25.25 11.07
N GLY A 261 -1.72 -24.73 11.22
CA GLY A 261 -1.15 -24.51 12.54
C GLY A 261 -0.81 -25.77 13.34
N ILE A 262 -0.33 -26.81 12.67
CA ILE A 262 0.03 -28.06 13.32
C ILE A 262 1.48 -28.49 13.10
N ILE A 263 1.86 -29.59 13.75
CA ILE A 263 3.19 -30.18 13.62
C ILE A 263 2.98 -31.44 12.76
N GLY A 264 3.85 -31.66 11.77
CA GLY A 264 3.72 -32.86 10.95
C GLY A 264 2.97 -32.85 9.63
N ASP A 265 2.61 -31.69 9.09
CA ASP A 265 1.91 -31.67 7.80
C ASP A 265 2.80 -32.18 6.65
N TRP A 266 4.11 -32.32 6.88
CA TRP A 266 5.00 -32.84 5.84
C TRP A 266 4.59 -34.26 5.41
N LYS A 267 3.92 -34.99 6.30
CA LYS A 267 3.49 -36.37 6.02
C LYS A 267 2.41 -36.45 4.93
N ASN A 268 1.75 -35.33 4.67
CA ASN A 268 0.71 -35.26 3.65
C ASN A 268 1.21 -34.67 2.32
N HIS A 269 2.51 -34.36 2.25
CA HIS A 269 3.08 -33.76 1.04
C HIS A 269 4.34 -34.40 0.44
N PHE A 270 5.24 -34.91 1.28
CA PHE A 270 6.49 -35.53 0.82
C PHE A 270 6.36 -37.01 0.39
N PRO A 271 6.62 -37.31 -0.90
CA PRO A 271 6.51 -38.74 -1.26
C PRO A 271 7.69 -39.46 -0.57
N GLU A 272 7.58 -40.78 -0.42
CA GLU A 272 8.61 -41.59 0.23
C GLU A 272 10.05 -41.34 -0.24
N ALA A 273 10.26 -41.40 -1.55
CA ALA A 273 11.57 -41.21 -2.15
C ALA A 273 12.19 -39.84 -1.88
N LEU A 274 11.37 -38.79 -1.94
CA LEU A 274 11.85 -37.43 -1.71
C LEU A 274 12.26 -37.20 -0.25
N ARG A 275 11.49 -37.76 0.68
CA ARG A 275 11.78 -37.62 2.09
C ARG A 275 13.15 -38.16 2.46
N GLU A 276 13.50 -39.32 1.91
CA GLU A 276 14.80 -39.93 2.20
C GLU A 276 15.97 -39.10 1.69
N ARG A 277 15.81 -38.50 0.51
CA ARG A 277 16.86 -37.64 -0.06
C ARG A 277 17.02 -36.37 0.78
N PHE A 278 15.91 -35.78 1.18
CA PHE A 278 15.91 -34.56 1.98
C PHE A 278 16.62 -34.79 3.33
N ASP A 279 16.18 -35.83 4.05
CA ASP A 279 16.76 -36.13 5.36
C ASP A 279 18.26 -36.44 5.29
N GLU A 280 18.67 -37.07 4.20
CA GLU A 280 20.07 -37.39 4.02
C GLU A 280 20.88 -36.12 3.82
N HIS A 281 20.35 -35.22 3.00
CA HIS A 281 20.97 -33.92 2.69
C HIS A 281 21.05 -33.09 3.99
N TYR A 282 20.00 -33.14 4.78
CA TYR A 282 19.93 -32.41 6.04
C TYR A 282 21.07 -32.82 6.98
N LYS A 283 21.25 -34.14 7.15
CA LYS A 283 22.30 -34.65 8.04
C LYS A 283 23.70 -34.13 7.68
N GLN A 284 24.00 -34.02 6.38
CA GLN A 284 25.29 -33.53 5.92
C GLN A 284 25.45 -32.03 6.15
N GLN A 285 24.35 -31.28 6.09
CA GLN A 285 24.41 -29.83 6.31
C GLN A 285 24.48 -29.45 7.79
N MET A 286 23.76 -30.18 8.64
CA MET A 286 23.71 -29.86 10.05
C MET A 286 24.55 -30.78 10.97
N LYS A 287 25.42 -31.59 10.38
CA LYS A 287 26.27 -32.52 11.11
C LYS A 287 26.86 -32.02 12.42
N ASP A 288 27.63 -30.95 12.38
CA ASP A 288 28.28 -30.43 13.59
C ASP A 288 27.56 -29.28 14.31
N CYS A 289 26.24 -29.17 14.16
CA CYS A 289 25.48 -28.10 14.84
C CYS A 289 24.76 -28.67 16.08
N THR A 290 25.00 -28.08 17.25
CA THR A 290 24.40 -28.56 18.51
C THR A 290 22.96 -28.17 18.84
N VAL A 291 22.28 -27.44 17.95
CA VAL A 291 20.88 -27.00 18.20
C VAL A 291 20.01 -28.17 18.60
N LYS A 292 19.14 -27.97 19.59
CA LYS A 292 18.24 -29.05 20.04
C LYS A 292 16.77 -28.95 19.61
N PHE A 293 16.43 -29.53 18.46
CA PHE A 293 15.04 -29.52 17.99
C PHE A 293 14.25 -30.54 18.83
N ARG A 294 12.93 -30.36 18.94
CA ARG A 294 12.08 -31.27 19.72
C ARG A 294 11.76 -32.59 18.99
N MET A 295 11.84 -33.71 19.72
CA MET A 295 11.54 -35.01 19.15
C MET A 295 10.05 -35.01 18.80
N GLU A 296 9.74 -35.41 17.58
CA GLU A 296 8.35 -35.44 17.17
C GLU A 296 8.21 -36.59 16.19
N GLU B 9 -17.73 -8.54 -10.30
CA GLU B 9 -18.91 -7.91 -10.97
C GLU B 9 -18.97 -6.42 -10.71
N TYR B 10 -19.45 -5.68 -11.71
CA TYR B 10 -19.55 -4.22 -11.61
C TYR B 10 -20.23 -3.74 -10.32
N TYR B 11 -21.44 -4.22 -10.07
CA TYR B 11 -22.18 -3.79 -8.88
C TYR B 11 -21.80 -4.50 -7.55
N GLU B 12 -20.77 -5.33 -7.62
CA GLU B 12 -20.26 -5.96 -6.41
C GLU B 12 -19.19 -4.98 -5.92
N VAL B 13 -18.49 -4.36 -6.88
CA VAL B 13 -17.44 -3.38 -6.60
C VAL B 13 -18.00 -1.98 -6.29
N PHE B 14 -19.02 -1.56 -7.03
CA PHE B 14 -19.62 -0.23 -6.85
C PHE B 14 -21.06 -0.24 -6.31
N GLY B 15 -21.39 0.74 -5.45
CA GLY B 15 -22.73 0.86 -4.89
C GLY B 15 -23.21 2.30 -4.68
N GLU B 16 -24.50 2.56 -4.89
CA GLU B 16 -25.03 3.93 -4.71
C GLU B 16 -25.01 4.39 -3.23
N PHE B 17 -24.43 5.57 -2.98
CA PHE B 17 -24.33 6.16 -1.64
C PHE B 17 -24.88 7.60 -1.65
N ARG B 18 -26.04 7.80 -1.02
CA ARG B 18 -26.67 9.12 -0.99
C ARG B 18 -26.81 9.70 -2.41
N GLY B 19 -27.28 8.85 -3.32
CA GLY B 19 -27.49 9.26 -4.70
C GLY B 19 -26.28 9.33 -5.62
N VAL B 20 -25.12 8.87 -5.16
CA VAL B 20 -23.88 8.91 -5.95
C VAL B 20 -23.19 7.52 -5.99
N LEU B 21 -22.95 6.96 -7.18
CA LEU B 21 -22.28 5.65 -7.29
C LEU B 21 -20.83 5.78 -6.80
N MET B 22 -20.43 4.93 -5.85
CA MET B 22 -19.08 4.98 -5.28
C MET B 22 -18.39 3.62 -5.07
N ASP B 23 -17.05 3.64 -5.00
CA ASP B 23 -16.24 2.45 -4.71
C ASP B 23 -16.56 2.13 -3.22
N LYS B 24 -17.08 0.93 -2.95
CA LYS B 24 -17.46 0.56 -1.57
C LYS B 24 -16.34 0.68 -0.52
N ARG B 25 -15.09 0.60 -0.96
CA ARG B 25 -13.97 0.72 -0.04
C ARG B 25 -13.85 2.15 0.52
N PHE B 26 -14.38 3.13 -0.22
CA PHE B 26 -14.32 4.53 0.20
C PHE B 26 -15.54 4.97 1.06
N THR B 27 -16.54 4.10 1.20
CA THR B 27 -17.72 4.44 1.99
C THR B 27 -17.92 3.56 3.23
N LYS B 28 -17.17 2.47 3.32
CA LYS B 28 -17.27 1.57 4.49
C LYS B 28 -17.05 2.31 5.81
N TYR B 29 -16.10 3.24 5.81
CA TYR B 29 -15.78 4.04 7.00
C TYR B 29 -16.09 5.53 6.76
N TRP B 30 -17.24 5.81 6.16
CA TRP B 30 -17.64 7.20 5.84
C TRP B 30 -17.58 8.20 7.00
N GLU B 31 -17.82 7.75 8.22
CA GLU B 31 -17.78 8.62 9.38
C GLU B 31 -16.48 9.41 9.52
N ASP B 32 -15.36 8.81 9.12
CA ASP B 32 -14.05 9.46 9.20
C ASP B 32 -13.97 10.68 8.25
N VAL B 33 -14.68 10.61 7.13
CA VAL B 33 -14.69 11.71 6.16
C VAL B 33 -15.69 12.78 6.63
N GLU B 34 -16.89 12.35 7.00
CA GLU B 34 -17.94 13.26 7.45
C GLU B 34 -17.53 14.15 8.62
N MET B 35 -16.80 13.59 9.58
CA MET B 35 -16.35 14.33 10.74
C MET B 35 -14.95 14.94 10.61
N PHE B 36 -14.38 14.93 9.42
CA PHE B 36 -13.04 15.48 9.23
C PHE B 36 -12.91 16.93 9.72
N LEU B 37 -11.81 17.24 10.40
CA LEU B 37 -11.58 18.59 10.93
C LEU B 37 -10.64 19.40 10.03
N ALA B 38 -11.16 20.51 9.48
CA ALA B 38 -10.36 21.37 8.61
C ALA B 38 -9.67 22.47 9.42
N ARG B 39 -8.64 23.07 8.81
CA ARG B 39 -7.88 24.18 9.41
C ARG B 39 -8.13 25.39 8.51
N PRO B 40 -8.12 26.60 9.06
CA PRO B 40 -8.37 27.80 8.24
C PRO B 40 -7.52 27.98 6.99
N ASP B 41 -6.26 27.57 7.05
CA ASP B 41 -5.37 27.73 5.90
C ASP B 41 -5.23 26.53 4.94
N ASP B 42 -6.13 25.56 5.05
CA ASP B 42 -6.15 24.39 4.15
C ASP B 42 -6.57 24.87 2.75
N LEU B 43 -6.04 24.24 1.69
CA LEU B 43 -6.44 24.59 0.32
C LEU B 43 -6.99 23.31 -0.35
N VAL B 44 -8.21 23.39 -0.87
CA VAL B 44 -8.84 22.23 -1.53
C VAL B 44 -8.79 22.29 -3.07
N ILE B 45 -8.28 21.23 -3.68
CA ILE B 45 -8.22 21.10 -5.15
C ILE B 45 -9.25 20.02 -5.50
N ALA B 46 -10.34 20.42 -6.16
CA ALA B 46 -11.42 19.50 -6.53
C ALA B 46 -11.64 19.34 -8.04
N THR B 47 -11.93 18.10 -8.47
CA THR B 47 -12.15 17.79 -9.91
C THR B 47 -13.00 16.54 -10.12
N TYR B 48 -13.58 16.40 -11.32
CA TYR B 48 -14.29 15.17 -11.66
C TYR B 48 -13.11 14.35 -12.21
N PRO B 49 -13.08 13.02 -11.98
CA PRO B 49 -11.96 12.21 -12.48
C PRO B 49 -11.51 12.42 -13.95
N LYS B 50 -10.18 12.43 -14.15
CA LYS B 50 -9.54 12.55 -15.45
C LYS B 50 -9.64 13.90 -16.18
N SER B 51 -9.75 14.98 -15.40
CA SER B 51 -9.86 16.34 -15.95
C SER B 51 -8.55 17.15 -15.89
N GLY B 52 -7.46 16.54 -15.44
CA GLY B 52 -6.18 17.23 -15.33
C GLY B 52 -5.72 17.50 -13.89
N THR B 53 -6.25 16.73 -12.94
CA THR B 53 -5.91 16.88 -11.52
C THR B 53 -4.41 16.91 -11.22
N THR B 54 -3.66 15.97 -11.79
CA THR B 54 -2.22 15.86 -11.58
C THR B 54 -1.46 17.09 -12.09
N TRP B 55 -1.89 17.61 -13.25
CA TRP B 55 -1.28 18.79 -13.85
C TRP B 55 -1.39 20.05 -12.99
N ILE B 56 -2.60 20.42 -12.57
CA ILE B 56 -2.77 21.61 -11.74
C ILE B 56 -2.24 21.44 -10.31
N SER B 57 -2.14 20.20 -9.85
CA SER B 57 -1.62 19.92 -8.51
C SER B 57 -0.12 20.28 -8.46
N GLU B 58 0.61 19.89 -9.50
CA GLU B 58 2.05 20.17 -9.58
C GLU B 58 2.32 21.68 -9.71
N VAL B 59 1.46 22.38 -10.45
CA VAL B 59 1.60 23.83 -10.63
C VAL B 59 1.45 24.55 -9.28
N VAL B 60 0.42 24.20 -8.52
CA VAL B 60 0.19 24.80 -7.20
C VAL B 60 1.30 24.49 -6.21
N TYR B 61 1.82 23.26 -6.26
CA TYR B 61 2.90 22.87 -5.35
C TYR B 61 4.14 23.72 -5.60
N MET B 62 4.48 23.92 -6.88
CA MET B 62 5.65 24.73 -7.23
C MET B 62 5.50 26.17 -6.73
N ILE B 63 4.27 26.68 -6.77
CA ILE B 63 3.98 28.03 -6.30
C ILE B 63 4.28 28.13 -4.80
N TYR B 64 3.79 27.16 -4.04
CA TYR B 64 4.01 27.11 -2.60
C TYR B 64 5.51 27.08 -2.28
N LYS B 65 6.27 26.35 -3.09
CA LYS B 65 7.71 26.21 -2.89
C LYS B 65 8.57 27.26 -3.60
N GLU B 66 7.92 28.19 -4.30
CA GLU B 66 8.62 29.26 -5.02
C GLU B 66 9.36 28.79 -6.27
N GLU B 74 12.71 12.85 -4.28
CA GLU B 74 11.41 13.53 -4.57
C GLU B 74 10.20 12.62 -4.30
N ASP B 75 9.60 12.76 -3.13
CA ASP B 75 8.44 11.96 -2.76
C ASP B 75 7.36 12.00 -3.84
N ALA B 76 6.61 10.91 -3.97
CA ALA B 76 5.53 10.79 -4.95
C ALA B 76 4.47 11.87 -4.72
N ILE B 77 3.79 12.30 -5.78
CA ILE B 77 2.77 13.35 -5.64
C ILE B 77 1.60 12.94 -4.72
N PHE B 78 1.27 11.64 -4.67
CA PHE B 78 0.18 11.18 -3.82
C PHE B 78 0.54 11.19 -2.33
N ASN B 79 1.80 11.53 -2.02
CA ASN B 79 2.26 11.61 -0.63
C ASN B 79 2.36 13.10 -0.29
N ARG B 80 2.80 13.90 -1.26
CA ARG B 80 2.95 15.35 -1.07
C ARG B 80 1.58 16.04 -0.96
N ILE B 81 0.61 15.53 -1.70
CA ILE B 81 -0.77 16.06 -1.73
C ILE B 81 -1.76 14.89 -1.56
N PRO B 82 -2.10 14.52 -0.30
CA PRO B 82 -3.01 13.41 -0.01
C PRO B 82 -4.41 13.45 -0.66
N TYR B 83 -4.88 12.28 -1.10
CA TYR B 83 -6.20 12.06 -1.72
C TYR B 83 -7.17 11.78 -0.55
N LEU B 84 -7.89 12.83 -0.14
CA LEU B 84 -8.82 12.80 1.00
C LEU B 84 -9.61 11.54 1.34
N GLU B 85 -10.52 11.14 0.44
CA GLU B 85 -11.38 9.99 0.68
C GLU B 85 -10.83 8.62 0.29
N CYS B 86 -9.63 8.56 -0.28
CA CYS B 86 -9.04 7.27 -0.68
C CYS B 86 -8.79 6.40 0.57
N ARG B 87 -9.22 5.15 0.53
CA ARG B 87 -9.06 4.24 1.65
C ARG B 87 -9.15 2.77 1.20
N ASN B 88 -8.23 1.95 1.70
CA ASN B 88 -8.21 0.52 1.42
C ASN B 88 -7.78 -0.16 2.72
N GLU B 89 -8.75 -0.33 3.61
CA GLU B 89 -8.54 -0.92 4.95
C GLU B 89 -7.36 -0.25 5.66
N ASP B 90 -6.38 -1.02 6.12
CA ASP B 90 -5.24 -0.44 6.83
C ASP B 90 -3.96 -0.20 6.01
N LEU B 91 -3.99 -0.50 4.71
CA LEU B 91 -2.83 -0.29 3.86
C LEU B 91 -2.78 1.13 3.29
N ILE B 92 -3.94 1.69 2.95
CA ILE B 92 -4.03 3.05 2.40
C ILE B 92 -5.08 3.86 3.16
N ASN B 93 -4.72 5.07 3.58
CA ASN B 93 -5.63 5.94 4.34
C ASN B 93 -5.25 7.43 4.19
N GLY B 94 -5.99 8.14 3.33
CA GLY B 94 -5.74 9.56 3.11
C GLY B 94 -6.01 10.50 4.28
N ILE B 95 -7.01 10.19 5.10
CA ILE B 95 -7.36 11.00 6.27
C ILE B 95 -6.23 10.95 7.31
N LYS B 96 -5.66 9.75 7.50
CA LYS B 96 -4.57 9.54 8.43
C LYS B 96 -3.35 10.35 7.99
N GLN B 97 -3.08 10.33 6.70
CA GLN B 97 -1.95 11.08 6.14
C GLN B 97 -2.12 12.58 6.39
N LEU B 98 -3.36 13.07 6.27
CA LEU B 98 -3.64 14.49 6.47
C LEU B 98 -3.53 14.91 7.95
N LYS B 99 -3.92 14.03 8.86
CA LYS B 99 -3.84 14.34 10.28
C LYS B 99 -2.36 14.50 10.70
N GLU B 100 -1.47 13.83 9.98
CA GLU B 100 -0.05 13.89 10.29
C GLU B 100 0.73 14.88 9.42
N LYS B 101 0.04 15.63 8.56
CA LYS B 101 0.69 16.59 7.68
C LYS B 101 0.81 17.99 8.28
N GLU B 102 1.97 18.62 8.14
CA GLU B 102 2.19 19.96 8.66
C GLU B 102 1.51 21.02 7.79
N SER B 103 1.07 22.11 8.42
CA SER B 103 0.41 23.20 7.71
C SER B 103 1.44 24.07 6.99
N PRO B 104 1.05 24.68 5.85
CA PRO B 104 -0.27 24.62 5.20
C PRO B 104 -0.46 23.38 4.31
N ARG B 105 -1.58 22.68 4.50
CA ARG B 105 -1.90 21.48 3.74
C ARG B 105 -2.64 21.70 2.40
N ILE B 106 -2.33 20.87 1.40
CA ILE B 106 -2.99 20.90 0.10
C ILE B 106 -3.74 19.55 0.05
N VAL B 107 -5.05 19.62 -0.19
CA VAL B 107 -5.97 18.47 -0.20
C VAL B 107 -6.60 18.15 -1.56
N LYS B 108 -6.47 16.91 -2.03
CA LYS B 108 -7.09 16.49 -3.29
C LYS B 108 -8.38 15.68 -3.08
N THR B 109 -9.42 15.96 -3.90
CA THR B 109 -10.71 15.25 -3.80
C THR B 109 -11.48 15.22 -5.14
N HIS B 110 -12.40 14.25 -5.28
CA HIS B 110 -13.25 14.12 -6.47
C HIS B 110 -14.75 14.21 -6.05
N LEU B 111 -15.01 14.57 -4.79
CA LEU B 111 -16.40 14.65 -4.28
C LEU B 111 -17.24 15.85 -4.73
N PRO B 112 -18.55 15.65 -4.96
CA PRO B 112 -19.47 16.74 -5.36
C PRO B 112 -19.68 17.58 -4.08
N PRO B 113 -20.12 18.85 -4.20
CA PRO B 113 -20.32 19.69 -3.00
C PRO B 113 -21.12 19.14 -1.82
N LYS B 114 -22.21 18.43 -2.08
CA LYS B 114 -23.04 17.89 -0.99
C LYS B 114 -22.35 16.80 -0.16
N LEU B 115 -21.29 16.21 -0.67
CA LEU B 115 -20.58 15.14 0.06
C LEU B 115 -19.27 15.60 0.70
N LEU B 116 -18.80 16.80 0.37
CA LEU B 116 -17.55 17.32 0.95
C LEU B 116 -17.71 17.60 2.46
N PRO B 117 -16.65 17.33 3.26
CA PRO B 117 -16.77 17.59 4.70
C PRO B 117 -17.22 19.04 4.98
N ALA B 118 -18.29 19.21 5.74
CA ALA B 118 -18.82 20.54 6.03
C ALA B 118 -17.86 21.52 6.71
N SER B 119 -16.86 21.00 7.43
CA SER B 119 -15.89 21.85 8.12
C SER B 119 -15.14 22.79 7.16
N PHE B 120 -14.96 22.35 5.92
CA PHE B 120 -14.27 23.15 4.90
C PHE B 120 -15.08 24.43 4.57
N TRP B 121 -16.42 24.28 4.49
CA TRP B 121 -17.29 25.42 4.20
C TRP B 121 -17.36 26.31 5.43
N GLU B 122 -17.51 25.68 6.60
CA GLU B 122 -17.59 26.41 7.85
C GLU B 122 -16.41 27.32 8.12
N LYS B 123 -15.20 26.89 7.77
CA LYS B 123 -14.01 27.72 7.99
C LYS B 123 -13.64 28.63 6.81
N ASN B 124 -14.49 28.64 5.79
CA ASN B 124 -14.29 29.47 4.61
C ASN B 124 -12.94 29.27 3.92
N CYS B 125 -12.52 28.00 3.75
CA CYS B 125 -11.24 27.69 3.09
C CYS B 125 -11.24 28.01 1.58
N LYS B 126 -10.07 28.39 1.05
CA LYS B 126 -9.94 28.68 -0.39
C LYS B 126 -9.97 27.33 -1.14
N MET B 127 -10.54 27.33 -2.34
CA MET B 127 -10.63 26.11 -3.14
C MET B 127 -10.43 26.39 -4.63
N ILE B 128 -9.97 25.38 -5.37
CA ILE B 128 -9.76 25.48 -6.82
C ILE B 128 -10.46 24.31 -7.53
N TYR B 129 -11.37 24.61 -8.46
CA TYR B 129 -12.09 23.58 -9.21
C TYR B 129 -11.67 23.59 -10.70
N LEU B 130 -11.34 22.41 -11.25
CA LEU B 130 -10.92 22.29 -12.65
C LEU B 130 -11.81 21.32 -13.43
N CYS B 131 -12.20 21.71 -14.66
CA CYS B 131 -13.02 20.86 -15.52
C CYS B 131 -12.43 20.71 -16.95
N ARG B 132 -13.00 19.80 -17.73
CA ARG B 132 -12.54 19.48 -19.09
C ARG B 132 -13.78 19.11 -19.93
N ASN B 133 -13.74 19.29 -21.25
CA ASN B 133 -14.95 18.96 -22.03
C ASN B 133 -15.34 17.49 -21.90
N ALA B 134 -16.65 17.27 -21.72
CA ALA B 134 -17.21 15.93 -21.49
C ALA B 134 -16.80 14.76 -22.39
N LYS B 135 -16.74 14.97 -23.71
CA LYS B 135 -16.38 13.87 -24.61
C LYS B 135 -14.95 13.39 -24.41
N ASP B 136 -14.03 14.33 -24.13
CA ASP B 136 -12.63 13.98 -23.92
C ASP B 136 -12.43 13.32 -22.54
N VAL B 137 -13.29 13.66 -21.58
CA VAL B 137 -13.22 13.08 -20.23
C VAL B 137 -13.64 11.59 -20.34
N ALA B 138 -14.68 11.32 -21.12
CA ALA B 138 -15.19 9.96 -21.31
C ALA B 138 -14.13 9.00 -21.89
N VAL B 139 -13.32 9.49 -22.84
CA VAL B 139 -12.25 8.68 -23.44
C VAL B 139 -11.16 8.35 -22.40
N SER B 140 -10.72 9.36 -21.67
CA SER B 140 -9.70 9.21 -20.64
C SER B 140 -10.14 8.27 -19.50
N TYR B 141 -11.40 8.38 -19.09
CA TYR B 141 -11.95 7.56 -18.00
C TYR B 141 -12.07 6.10 -18.43
N TYR B 142 -12.38 5.88 -19.72
CA TYR B 142 -12.50 4.52 -20.27
C TYR B 142 -11.18 3.75 -20.11
N TYR B 143 -10.06 4.39 -20.44
CA TYR B 143 -8.75 3.76 -20.32
C TYR B 143 -8.34 3.57 -18.85
N PHE B 144 -8.80 4.46 -17.97
CA PHE B 144 -8.50 4.37 -16.55
C PHE B 144 -9.08 3.09 -15.94
N LEU B 145 -10.31 2.75 -16.33
CA LEU B 145 -10.96 1.54 -15.81
C LEU B 145 -10.19 0.29 -16.27
N LEU B 146 -9.59 0.35 -17.46
CA LEU B 146 -8.81 -0.78 -17.98
C LEU B 146 -7.51 -0.91 -17.18
N MET B 147 -6.92 0.24 -16.80
CA MET B 147 -5.68 0.30 -16.02
C MET B 147 -5.79 -0.18 -14.58
N ILE B 148 -6.90 0.12 -13.91
CA ILE B 148 -7.11 -0.32 -12.53
C ILE B 148 -7.47 -1.82 -12.48
N THR B 149 -6.58 -2.62 -11.91
CA THR B 149 -6.79 -4.08 -11.86
C THR B 149 -8.08 -4.55 -11.17
N SER B 150 -8.49 -3.89 -10.09
CA SER B 150 -9.70 -4.30 -9.38
C SER B 150 -11.02 -3.75 -9.96
N TYR B 151 -10.96 -3.01 -11.07
CA TYR B 151 -12.16 -2.47 -11.70
C TYR B 151 -12.49 -3.28 -12.96
N PRO B 152 -13.71 -3.82 -13.07
CA PRO B 152 -14.13 -4.62 -14.24
C PRO B 152 -14.04 -3.88 -15.58
N ASN B 153 -13.32 -4.45 -16.54
CA ASN B 153 -13.14 -3.84 -17.86
C ASN B 153 -14.42 -3.73 -18.69
N PRO B 154 -14.73 -2.53 -19.21
CA PRO B 154 -15.94 -2.37 -20.02
C PRO B 154 -15.93 -3.29 -21.25
N LYS B 155 -17.11 -3.75 -21.66
CA LYS B 155 -17.24 -4.63 -22.82
C LYS B 155 -16.81 -3.95 -24.11
N SER B 156 -17.05 -2.64 -24.17
CA SER B 156 -16.69 -1.82 -25.33
C SER B 156 -16.79 -0.36 -24.93
N PHE B 157 -16.23 0.53 -25.75
CA PHE B 157 -16.28 1.96 -25.49
C PHE B 157 -17.73 2.46 -25.46
N SER B 158 -18.53 2.02 -26.43
CA SER B 158 -19.93 2.43 -26.50
C SER B 158 -20.69 2.05 -25.23
N GLU B 159 -20.43 0.84 -24.72
CA GLU B 159 -21.07 0.35 -23.50
C GLU B 159 -20.74 1.29 -22.34
N PHE B 160 -19.48 1.70 -22.26
CA PHE B 160 -19.05 2.63 -21.21
C PHE B 160 -19.77 3.99 -21.33
N VAL B 161 -19.90 4.50 -22.57
CA VAL B 161 -20.55 5.80 -22.79
C VAL B 161 -22.02 5.78 -22.38
N GLU B 162 -22.70 4.65 -22.60
CA GLU B 162 -24.10 4.55 -22.21
C GLU B 162 -24.20 4.77 -20.70
N LYS B 163 -23.24 4.20 -19.95
CA LYS B 163 -23.22 4.33 -18.50
C LYS B 163 -22.86 5.76 -18.07
N PHE B 164 -21.93 6.38 -18.79
CA PHE B 164 -21.50 7.75 -18.49
C PHE B 164 -22.67 8.73 -18.59
N MET B 165 -23.50 8.60 -19.62
CA MET B 165 -24.65 9.48 -19.83
C MET B 165 -25.69 9.30 -18.71
N GLN B 166 -25.76 8.10 -18.12
CA GLN B 166 -26.68 7.77 -17.04
C GLN B 166 -26.14 8.12 -15.65
N GLY B 167 -24.86 8.48 -15.58
CA GLY B 167 -24.26 8.79 -14.29
C GLY B 167 -23.94 7.53 -13.50
N GLN B 168 -23.87 6.39 -14.19
CA GLN B 168 -23.58 5.11 -13.55
C GLN B 168 -22.10 4.69 -13.60
N VAL B 169 -21.23 5.62 -13.25
CA VAL B 169 -19.78 5.40 -13.21
C VAL B 169 -19.33 5.97 -11.85
N PRO B 170 -18.14 5.56 -11.36
CA PRO B 170 -17.70 6.10 -10.06
C PRO B 170 -17.70 7.63 -9.97
N TYR B 171 -18.28 8.13 -8.87
CA TYR B 171 -18.42 9.56 -8.56
C TYR B 171 -19.65 10.20 -9.23
N GLY B 172 -20.47 9.36 -9.85
CA GLY B 172 -21.73 9.79 -10.45
C GLY B 172 -21.78 10.64 -11.72
N SER B 173 -22.87 11.40 -11.85
CA SER B 173 -23.12 12.28 -13.01
C SER B 173 -22.13 13.45 -13.19
N TRP B 174 -21.45 13.49 -14.34
CA TRP B 174 -20.51 14.57 -14.67
C TRP B 174 -21.29 15.90 -14.76
N TYR B 175 -22.50 15.82 -15.31
CA TYR B 175 -23.37 17.00 -15.48
C TYR B 175 -23.74 17.64 -14.14
N ASP B 176 -24.18 16.82 -13.18
CA ASP B 176 -24.54 17.30 -11.84
C ASP B 176 -23.32 17.85 -11.09
N HIS B 177 -22.16 17.23 -11.28
CA HIS B 177 -20.89 17.62 -10.64
C HIS B 177 -20.46 19.04 -11.07
N VAL B 178 -20.42 19.27 -12.38
CA VAL B 178 -20.01 20.58 -12.92
C VAL B 178 -21.01 21.68 -12.55
N LYS B 179 -22.31 21.42 -12.71
CA LYS B 179 -23.31 22.42 -12.39
C LYS B 179 -23.29 22.87 -10.91
N ALA B 180 -23.12 21.93 -9.98
CA ALA B 180 -23.09 22.27 -8.55
C ALA B 180 -21.85 23.05 -8.15
N TRP B 181 -20.68 22.66 -8.67
CA TRP B 181 -19.46 23.38 -8.35
C TRP B 181 -19.43 24.78 -9.01
N TRP B 182 -20.09 24.93 -10.16
CA TRP B 182 -20.15 26.24 -10.85
C TRP B 182 -20.93 27.21 -9.96
N GLU B 183 -22.01 26.75 -9.34
CA GLU B 183 -22.82 27.59 -8.48
C GLU B 183 -22.00 28.03 -7.27
N LYS B 184 -21.21 27.11 -6.71
CA LYS B 184 -20.38 27.41 -5.56
C LYS B 184 -19.32 28.47 -5.86
N SER B 185 -18.88 28.54 -7.12
CA SER B 185 -17.84 29.49 -7.53
C SER B 185 -18.29 30.95 -7.52
N LYS B 186 -19.52 31.21 -7.10
CA LYS B 186 -20.01 32.57 -6.98
C LYS B 186 -19.17 33.24 -5.89
N ASN B 187 -18.69 32.42 -4.95
CA ASN B 187 -17.86 32.89 -3.84
C ASN B 187 -16.47 33.30 -4.38
N SER B 188 -15.96 34.44 -3.92
CA SER B 188 -14.65 34.90 -4.37
C SER B 188 -13.49 33.99 -3.93
N ARG B 189 -13.75 33.13 -2.94
CA ARG B 189 -12.73 32.23 -2.43
C ARG B 189 -12.71 30.85 -3.10
N VAL B 190 -13.53 30.70 -4.13
CA VAL B 190 -13.61 29.45 -4.90
C VAL B 190 -13.35 29.78 -6.39
N LEU B 191 -12.16 29.44 -6.89
CA LEU B 191 -11.74 29.69 -8.29
C LEU B 191 -12.13 28.57 -9.28
N PHE B 192 -12.72 28.93 -10.42
CA PHE B 192 -13.17 27.96 -11.44
C PHE B 192 -12.28 28.06 -12.69
N MET B 193 -11.71 26.93 -13.14
CA MET B 193 -10.79 26.89 -14.31
C MET B 193 -11.04 25.74 -15.31
N PHE B 194 -10.50 25.87 -16.53
CA PHE B 194 -10.67 24.87 -17.62
C PHE B 194 -9.35 24.27 -18.17
N TYR B 195 -9.38 22.96 -18.45
CA TYR B 195 -8.21 22.23 -19.00
C TYR B 195 -7.77 22.82 -20.34
N GLU B 196 -8.75 23.12 -21.20
CA GLU B 196 -8.48 23.67 -22.53
C GLU B 196 -7.85 25.08 -22.49
N ASP B 197 -8.08 25.83 -21.41
CA ASP B 197 -7.48 27.15 -21.27
C ASP B 197 -5.99 27.01 -20.90
N MET B 198 -5.67 25.97 -20.11
CA MET B 198 -4.28 25.71 -19.70
C MET B 198 -3.50 25.24 -20.95
N LYS B 199 -4.19 24.53 -21.84
CA LYS B 199 -3.58 24.03 -23.08
C LYS B 199 -3.29 25.17 -24.07
N GLU B 200 -4.27 26.05 -24.29
CA GLU B 200 -4.11 27.14 -25.25
C GLU B 200 -3.49 28.44 -24.77
N ASP B 201 -3.43 28.63 -23.46
CA ASP B 201 -2.84 29.87 -22.92
C ASP B 201 -2.29 29.67 -21.51
N ILE B 202 -1.27 28.82 -21.41
CA ILE B 202 -0.67 28.52 -20.11
C ILE B 202 -0.13 29.68 -19.28
N ARG B 203 0.55 30.63 -19.93
CA ARG B 203 1.10 31.77 -19.21
C ARG B 203 0.04 32.57 -18.45
N ARG B 204 -1.12 32.79 -19.06
CA ARG B 204 -2.20 33.54 -18.43
C ARG B 204 -2.80 32.80 -17.23
N GLU B 205 -3.02 31.50 -17.38
CA GLU B 205 -3.58 30.68 -16.31
C GLU B 205 -2.64 30.59 -15.09
N VAL B 206 -1.33 30.55 -15.33
CA VAL B 206 -0.36 30.47 -14.24
C VAL B 206 -0.32 31.78 -13.44
N VAL B 207 -0.33 32.91 -14.14
CA VAL B 207 -0.32 34.22 -13.49
C VAL B 207 -1.58 34.40 -12.63
N LYS B 208 -2.71 33.91 -13.14
CA LYS B 208 -3.98 33.99 -12.43
C LYS B 208 -3.93 33.19 -11.11
N LEU B 209 -3.30 32.01 -11.15
CA LEU B 209 -3.18 31.17 -9.96
C LEU B 209 -2.23 31.79 -8.94
N ILE B 210 -1.14 32.38 -9.41
CA ILE B 210 -0.17 33.01 -8.50
C ILE B 210 -0.85 34.14 -7.71
N GLU B 211 -1.68 34.93 -8.40
CA GLU B 211 -2.38 36.04 -7.76
C GLU B 211 -3.49 35.59 -6.80
N PHE B 212 -4.21 34.52 -7.17
CA PHE B 212 -5.27 34.01 -6.31
C PHE B 212 -4.67 33.49 -4.99
N LEU B 213 -3.44 32.97 -5.06
CA LEU B 213 -2.79 32.45 -3.86
C LEU B 213 -1.98 33.54 -3.17
N GLU B 214 -2.27 34.80 -3.54
CA GLU B 214 -1.62 35.97 -2.97
C GLU B 214 -0.09 36.01 -2.98
N ARG B 215 0.50 35.78 -4.15
CA ARG B 215 1.95 35.82 -4.28
C ARG B 215 2.31 36.72 -5.44
N LYS B 216 3.58 37.09 -5.52
CA LYS B 216 4.04 37.99 -6.56
C LYS B 216 4.45 37.27 -7.84
N PRO B 217 3.74 37.56 -8.95
CA PRO B 217 4.10 36.91 -10.21
C PRO B 217 5.33 37.61 -10.80
N SER B 218 6.36 36.85 -11.10
CA SER B 218 7.56 37.42 -11.67
C SER B 218 8.00 36.59 -12.86
N ALA B 219 8.82 37.19 -13.72
CA ALA B 219 9.32 36.54 -14.92
C ALA B 219 9.90 35.14 -14.67
N GLU B 220 10.82 35.06 -13.72
CA GLU B 220 11.48 33.79 -13.38
C GLU B 220 10.53 32.69 -12.91
N LEU B 221 9.67 33.04 -11.95
CA LEU B 221 8.69 32.11 -11.37
C LEU B 221 7.74 31.49 -12.39
N VAL B 222 7.17 32.33 -13.24
CA VAL B 222 6.22 31.84 -14.24
C VAL B 222 6.90 30.93 -15.27
N ASP B 223 8.09 31.30 -15.70
CA ASP B 223 8.79 30.49 -16.70
C ASP B 223 9.26 29.14 -16.17
N ARG B 224 9.69 29.10 -14.91
CA ARG B 224 10.14 27.86 -14.32
C ARG B 224 9.03 26.83 -14.30
N ILE B 225 7.85 27.25 -13.84
CA ILE B 225 6.67 26.40 -13.74
C ILE B 225 6.24 25.91 -15.12
N ILE B 226 6.23 26.81 -16.10
CA ILE B 226 5.84 26.46 -17.46
C ILE B 226 6.66 25.31 -18.06
N GLN B 227 7.97 25.33 -17.85
CA GLN B 227 8.81 24.27 -18.41
C GLN B 227 8.82 22.97 -17.61
N HIS B 228 8.58 23.05 -16.31
CA HIS B 228 8.56 21.85 -15.48
C HIS B 228 7.24 21.10 -15.57
N THR B 229 6.16 21.80 -15.93
CA THR B 229 4.85 21.16 -16.02
C THR B 229 4.32 20.79 -17.42
N SER B 230 5.18 20.80 -18.43
CA SER B 230 4.74 20.41 -19.77
C SER B 230 4.42 18.91 -19.77
N PHE B 231 3.66 18.45 -20.76
CA PHE B 231 3.29 17.03 -20.83
C PHE B 231 4.52 16.14 -20.95
N GLN B 232 5.50 16.57 -21.73
CA GLN B 232 6.72 15.78 -21.91
C GLN B 232 7.49 15.62 -20.60
N GLU B 233 7.70 16.73 -19.90
CA GLU B 233 8.42 16.71 -18.63
C GLU B 233 7.78 15.83 -17.56
N MET B 234 6.45 15.93 -17.43
CA MET B 234 5.72 15.18 -16.41
C MET B 234 5.60 13.69 -16.74
N LYS B 235 5.71 13.37 -18.03
CA LYS B 235 5.64 11.97 -18.45
C LYS B 235 6.92 11.21 -18.09
N ASN B 236 8.03 11.92 -17.99
CA ASN B 236 9.31 11.31 -17.67
C ASN B 236 9.76 11.55 -16.22
N ASN B 237 8.89 12.18 -15.43
CA ASN B 237 9.17 12.43 -14.03
C ASN B 237 8.52 11.29 -13.23
N PRO B 238 9.33 10.44 -12.59
CA PRO B 238 8.82 9.30 -11.81
C PRO B 238 7.93 9.72 -10.64
N SER B 239 8.08 10.96 -10.19
CA SER B 239 7.28 11.47 -9.08
C SER B 239 5.84 11.77 -9.48
N THR B 240 5.64 12.12 -10.76
CA THR B 240 4.32 12.47 -11.27
C THR B 240 3.67 11.49 -12.27
N ASN B 241 4.43 10.55 -12.83
CA ASN B 241 3.87 9.60 -13.81
C ASN B 241 3.26 8.31 -13.24
N TYR B 242 3.17 8.23 -11.92
CA TYR B 242 2.60 7.10 -11.18
C TYR B 242 3.31 5.73 -11.28
N THR B 243 4.61 5.72 -11.57
CA THR B 243 5.37 4.47 -11.64
C THR B 243 5.83 4.09 -10.21
N MET B 244 5.58 4.97 -9.24
CA MET B 244 5.92 4.75 -7.82
C MET B 244 4.76 4.02 -7.13
N MET B 245 3.77 3.63 -7.95
CA MET B 245 2.59 2.92 -7.47
C MET B 245 2.59 1.51 -8.10
N PRO B 246 2.57 0.45 -7.26
CA PRO B 246 2.58 -0.98 -7.67
C PRO B 246 1.74 -1.37 -8.88
N GLU B 247 2.32 -2.20 -9.73
CA GLU B 247 1.66 -2.70 -10.93
C GLU B 247 0.53 -3.66 -10.58
N GLU B 248 0.55 -4.17 -9.36
CA GLU B 248 -0.50 -5.09 -8.90
C GLU B 248 -1.82 -4.33 -8.78
N MET B 249 -1.72 -3.02 -8.59
CA MET B 249 -2.89 -2.15 -8.47
C MET B 249 -3.19 -1.37 -9.74
N MET B 250 -2.14 -0.76 -10.30
CA MET B 250 -2.22 0.07 -11.50
C MET B 250 -1.28 -0.48 -12.56
N ASN B 251 -1.83 -1.20 -13.54
CA ASN B 251 -1.01 -1.80 -14.60
C ASN B 251 -0.83 -0.92 -15.86
N GLN B 252 0.27 -0.17 -15.91
CA GLN B 252 0.53 0.72 -17.04
C GLN B 252 0.97 0.02 -18.33
N LYS B 253 1.07 -1.30 -18.29
CA LYS B 253 1.44 -2.06 -19.48
C LYS B 253 0.16 -2.12 -20.31
N VAL B 254 -0.98 -2.08 -19.63
CA VAL B 254 -2.29 -2.11 -20.30
C VAL B 254 -2.56 -0.73 -20.94
N SER B 255 -2.25 0.33 -20.19
CA SER B 255 -2.42 1.72 -20.64
C SER B 255 -1.62 2.64 -19.71
N PRO B 256 -0.76 3.51 -20.27
CA PRO B 256 0.04 4.44 -19.45
C PRO B 256 -0.79 5.59 -18.84
N PHE B 257 -0.37 6.10 -17.67
CA PHE B 257 -1.10 7.20 -17.01
C PHE B 257 -1.01 8.48 -17.85
N MET B 258 0.20 8.83 -18.28
CA MET B 258 0.41 10.00 -19.12
C MET B 258 0.25 9.43 -20.53
N ARG B 259 -1.00 9.37 -20.99
CA ARG B 259 -1.39 8.79 -22.28
C ARG B 259 -1.12 9.63 -23.54
N LYS B 260 -1.95 10.65 -23.78
CA LYS B 260 -1.78 11.51 -24.97
C LYS B 260 -1.62 13.00 -24.63
N GLY B 261 -2.45 13.48 -23.71
CA GLY B 261 -2.39 14.88 -23.31
C GLY B 261 -2.82 15.90 -24.34
N ILE B 262 -3.81 15.57 -25.16
CA ILE B 262 -4.29 16.48 -26.21
C ILE B 262 -5.77 16.83 -26.10
N ILE B 263 -6.22 17.71 -27.00
CA ILE B 263 -7.63 18.11 -27.08
C ILE B 263 -8.17 17.43 -28.34
N GLY B 264 -9.35 16.81 -28.25
CA GLY B 264 -9.94 16.17 -29.41
C GLY B 264 -9.80 14.68 -29.67
N ASP B 265 -9.28 13.90 -28.72
CA ASP B 265 -9.13 12.46 -28.96
C ASP B 265 -10.49 11.76 -29.13
N TRP B 266 -11.59 12.44 -28.82
CA TRP B 266 -12.92 11.84 -28.99
C TRP B 266 -13.18 11.49 -30.47
N LYS B 267 -12.50 12.19 -31.37
CA LYS B 267 -12.66 11.96 -32.82
C LYS B 267 -12.16 10.59 -33.28
N ASN B 268 -11.31 9.98 -32.46
CA ASN B 268 -10.76 8.66 -32.75
C ASN B 268 -11.50 7.51 -32.03
N HIS B 269 -12.56 7.85 -31.29
CA HIS B 269 -13.30 6.83 -30.54
C HIS B 269 -14.83 6.80 -30.71
N PHE B 270 -15.46 7.96 -30.87
CA PHE B 270 -16.92 8.04 -31.02
C PHE B 270 -17.46 7.79 -32.44
N PRO B 271 -18.25 6.72 -32.64
CA PRO B 271 -18.76 6.54 -34.00
C PRO B 271 -19.76 7.67 -34.28
N GLU B 272 -20.03 7.96 -35.55
CA GLU B 272 -20.95 9.03 -35.95
C GLU B 272 -22.30 9.05 -35.21
N ALA B 273 -22.98 7.91 -35.20
CA ALA B 273 -24.29 7.77 -34.56
C ALA B 273 -24.28 8.06 -33.06
N LEU B 274 -23.25 7.58 -32.37
CA LEU B 274 -23.14 7.77 -30.92
C LEU B 274 -22.89 9.24 -30.57
N ARG B 275 -22.05 9.91 -31.35
CA ARG B 275 -21.74 11.31 -31.10
C ARG B 275 -22.99 12.20 -31.12
N GLU B 276 -23.87 11.97 -32.10
CA GLU B 276 -25.09 12.77 -32.22
C GLU B 276 -26.02 12.58 -31.02
N ARG B 277 -26.12 11.35 -30.52
CA ARG B 277 -26.96 11.05 -29.36
C ARG B 277 -26.39 11.71 -28.12
N PHE B 278 -25.07 11.62 -27.95
CA PHE B 278 -24.40 12.21 -26.79
C PHE B 278 -24.60 13.73 -26.76
N ASP B 279 -24.28 14.39 -27.87
CA ASP B 279 -24.40 15.85 -27.95
C ASP B 279 -25.82 16.34 -27.72
N GLU B 280 -26.80 15.56 -28.17
CA GLU B 280 -28.19 15.91 -27.98
C GLU B 280 -28.56 15.84 -26.50
N HIS B 281 -28.11 14.77 -25.85
CA HIS B 281 -28.34 14.54 -24.43
C HIS B 281 -27.68 15.65 -23.60
N TYR B 282 -26.47 16.03 -24.01
CA TYR B 282 -25.71 17.08 -23.34
C TYR B 282 -26.52 18.38 -23.32
N LYS B 283 -27.12 18.69 -24.47
CA LYS B 283 -27.94 19.90 -24.62
C LYS B 283 -29.02 20.00 -23.55
N GLN B 284 -29.78 18.93 -23.39
CA GLN B 284 -30.85 18.87 -22.40
C GLN B 284 -30.38 19.05 -20.97
N GLN B 285 -29.24 18.44 -20.65
CA GLN B 285 -28.67 18.51 -19.32
C GLN B 285 -28.10 19.89 -18.97
N MET B 286 -27.36 20.46 -19.91
CA MET B 286 -26.70 21.74 -19.66
C MET B 286 -27.46 22.99 -20.13
N LYS B 287 -28.72 22.79 -20.51
CA LYS B 287 -29.60 23.87 -21.00
C LYS B 287 -29.43 25.22 -20.31
N ASP B 288 -29.74 25.25 -19.02
CA ASP B 288 -29.68 26.51 -18.29
C ASP B 288 -28.41 26.84 -17.50
N CYS B 289 -27.27 26.24 -17.87
CA CYS B 289 -26.00 26.53 -17.16
C CYS B 289 -25.17 27.56 -17.94
N THR B 290 -24.75 28.62 -17.28
CA THR B 290 -23.98 29.68 -17.94
C THR B 290 -22.46 29.45 -18.10
N VAL B 291 -21.95 28.34 -17.59
CA VAL B 291 -20.51 28.02 -17.69
C VAL B 291 -19.99 28.17 -19.12
N LYS B 292 -18.79 28.74 -19.29
CA LYS B 292 -18.21 28.95 -20.62
C LYS B 292 -17.02 28.07 -21.03
N PHE B 293 -17.29 26.98 -21.75
CA PHE B 293 -16.21 26.11 -22.24
C PHE B 293 -15.61 26.77 -23.50
N ARG B 294 -14.35 26.44 -23.83
CA ARG B 294 -13.68 27.01 -25.01
C ARG B 294 -14.13 26.36 -26.30
N MET B 295 -14.26 27.15 -27.37
CA MET B 295 -14.65 26.63 -28.68
C MET B 295 -13.52 25.77 -29.27
#